data_5BY1
#
_entry.id   5BY1
#
_cell.length_a   30.661
_cell.length_b   56.834
_cell.length_c   39.814
_cell.angle_alpha   90.000
_cell.angle_beta   97.950
_cell.angle_gamma   90.000
#
_symmetry.space_group_name_H-M   'P 1 21 1'
#
loop_
_entity.id
_entity.type
_entity.pdbx_description
1 polymer 'Non-structural protein 1'
2 non-polymer DI(HYDROXYETHYL)ETHER
3 non-polymer 'PENTAETHYLENE GLYCOL'
4 water water
#
_entity_poly.entity_id   1
_entity_poly.type   'polypeptide(L)'
_entity_poly.pdbx_seq_one_letter_code
;GAMADIGSEFMESTPTTIAFQVDCYLWHLKKMLSLMGEVDAPFEDRLRREQKALKGRSMTLGIDIQAATKAGYYKIKSIT
EDAM
;
_entity_poly.pdbx_strand_id   A,B
#
# COMPACT_ATOMS: atom_id res chain seq x y z
N MET A 11 -11.99 15.65 -8.15
CA MET A 11 -10.65 16.12 -7.83
C MET A 11 -9.79 16.25 -9.09
N GLU A 12 -8.73 17.03 -9.00
CA GLU A 12 -7.77 17.19 -10.11
C GLU A 12 -6.92 15.94 -10.26
N SER A 13 -6.24 15.82 -11.40
CA SER A 13 -5.36 14.68 -11.67
C SER A 13 -3.90 15.10 -11.81
N THR A 14 -3.22 15.23 -10.68
CA THR A 14 -1.80 15.60 -10.64
C THR A 14 -1.03 14.46 -9.98
N PRO A 15 0.32 14.42 -10.15
CA PRO A 15 1.13 13.42 -9.44
C PRO A 15 0.85 13.39 -7.94
N THR A 16 0.55 14.55 -7.36
CA THR A 16 0.23 14.64 -5.94
C THR A 16 -1.13 14.02 -5.62
N THR A 17 -2.14 14.25 -6.47
CA THR A 17 -3.45 13.69 -6.16
C THR A 17 -3.45 12.21 -6.47
N ILE A 18 -2.70 11.79 -7.49
CA ILE A 18 -2.59 10.36 -7.81
C ILE A 18 -1.91 9.61 -6.68
N ALA A 19 -0.86 10.21 -6.15
CA ALA A 19 -0.16 9.65 -5.00
C ALA A 19 -1.12 9.47 -3.84
N PHE A 20 -1.98 10.46 -3.63
CA PHE A 20 -2.91 10.38 -2.50
C PHE A 20 -3.96 9.29 -2.76
N GLN A 21 -4.49 9.23 -3.98
CA GLN A 21 -5.43 8.17 -4.36
C GLN A 21 -4.84 6.78 -4.17
N VAL A 22 -3.63 6.59 -4.69
CA VAL A 22 -2.98 5.29 -4.57
C VAL A 22 -2.73 4.95 -3.11
N ASP A 23 -2.25 5.93 -2.34
CA ASP A 23 -1.97 5.67 -0.92
C ASP A 23 -3.24 5.27 -0.19
N CYS A 24 -4.34 5.99 -0.42
CA CYS A 24 -5.61 5.66 0.21
C CYS A 24 -6.08 4.26 -0.17
N TYR A 25 -6.03 3.92 -1.45
CA TYR A 25 -6.52 2.61 -1.86
C TYR A 25 -5.63 1.50 -1.33
N LEU A 26 -4.32 1.68 -1.38
CA LEU A 26 -3.47 0.59 -0.89
C LEU A 26 -3.60 0.46 0.63
N TRP A 27 -3.86 1.56 1.33
CA TRP A 27 -4.10 1.50 2.77
C TRP A 27 -5.35 0.68 3.05
N HIS A 28 -6.39 0.91 2.25
CA HIS A 28 -7.63 0.13 2.33
C HIS A 28 -7.39 -1.37 2.21
N LEU A 29 -6.49 -1.77 1.33
CA LEU A 29 -6.18 -3.18 1.16
C LEU A 29 -5.50 -3.73 2.41
N LYS A 30 -4.61 -2.95 3.01
CA LYS A 30 -3.99 -3.34 4.27
C LYS A 30 -5.04 -3.43 5.37
N LYS A 31 -6.03 -2.56 5.33
CA LYS A 31 -7.10 -2.64 6.33
C LYS A 31 -7.87 -3.95 6.15
N MET A 32 -8.09 -4.36 4.92
CA MET A 32 -8.82 -5.60 4.68
C MET A 32 -8.10 -6.80 5.31
N LEU A 33 -6.77 -6.81 5.23
CA LEU A 33 -5.95 -7.84 5.89
C LEU A 33 -6.12 -7.80 7.41
N SER A 34 -6.13 -6.60 7.98
CA SER A 34 -6.43 -6.45 9.40
C SER A 34 -7.81 -7.01 9.75
N LEU A 35 -8.81 -6.74 8.91
CA LEU A 35 -10.16 -7.25 9.16
C LEU A 35 -10.22 -8.77 9.18
N MET A 36 -9.34 -9.40 8.42
CA MET A 36 -9.24 -10.85 8.36
C MET A 36 -8.47 -11.43 9.54
N GLY A 37 -7.77 -10.57 10.26
CA GLY A 37 -7.00 -10.96 11.43
C GLY A 37 -5.75 -11.75 11.08
N GLU A 38 -5.20 -11.51 9.89
CA GLU A 38 -4.10 -12.30 9.37
C GLU A 38 -2.79 -11.55 9.38
N VAL A 39 -2.69 -10.56 10.25
CA VAL A 39 -1.46 -9.78 10.33
C VAL A 39 -1.10 -9.53 11.79
N ASP A 40 0.14 -9.11 12.04
CA ASP A 40 0.61 -8.99 13.40
C ASP A 40 0.47 -7.57 13.94
N ALA A 41 0.83 -7.39 15.20
CA ALA A 41 0.69 -6.11 15.88
C ALA A 41 1.49 -4.97 15.24
N PRO A 42 2.74 -5.22 14.80
CA PRO A 42 3.41 -4.11 14.10
C PRO A 42 2.70 -3.66 12.82
N PHE A 43 2.16 -4.60 12.06
CA PHE A 43 1.38 -4.27 10.86
C PHE A 43 0.18 -3.40 11.23
N GLU A 44 -0.53 -3.77 12.29
CA GLU A 44 -1.69 -2.98 12.74
C GLU A 44 -1.27 -1.62 13.27
N ASP A 45 -0.10 -1.55 13.92
CA ASP A 45 0.46 -0.29 14.37
C ASP A 45 0.72 0.64 13.19
N ARG A 46 1.37 0.11 12.14
CA ARG A 46 1.65 0.89 10.95
C ARG A 46 0.34 1.37 10.29
N LEU A 47 -0.66 0.50 10.30
CA LEU A 47 -1.97 0.81 9.74
C LEU A 47 -2.59 2.04 10.42
N ARG A 48 -2.54 2.08 11.75
CA ARG A 48 -3.15 3.19 12.49
C ARG A 48 -2.33 4.45 12.27
N ARG A 49 -1.02 4.31 12.26
CA ARG A 49 -0.15 5.47 12.05
C ARG A 49 -0.37 6.06 10.66
N GLU A 50 -0.48 5.19 9.65
CA GLU A 50 -0.70 5.65 8.28
C GLU A 50 -2.08 6.26 8.12
N GLN A 51 -3.08 5.71 8.81
CA GLN A 51 -4.40 6.29 8.75
C GLN A 51 -4.37 7.74 9.21
N LYS A 52 -3.64 8.01 10.29
CA LYS A 52 -3.56 9.38 10.79
C LYS A 52 -2.87 10.27 9.75
N ALA A 53 -1.87 9.72 9.07
CA ALA A 53 -1.13 10.50 8.07
C ALA A 53 -2.08 10.87 6.95
N LEU A 54 -2.90 9.91 6.54
CA LEU A 54 -3.80 10.12 5.41
C LEU A 54 -4.87 11.14 5.78
N LYS A 55 -5.29 11.16 7.03
CA LYS A 55 -6.28 12.15 7.43
C LYS A 55 -5.73 13.56 7.32
N GLY A 56 -4.45 13.75 7.67
CA GLY A 56 -3.81 15.05 7.51
C GLY A 56 -3.66 15.47 6.06
N ARG A 57 -3.23 14.55 5.21
CA ARG A 57 -3.09 14.88 3.80
C ARG A 57 -4.46 15.13 3.17
N SER A 58 -5.48 14.43 3.66
CA SER A 58 -6.86 14.64 3.20
C SER A 58 -7.33 16.07 3.49
N MET A 59 -7.09 16.53 4.71
CA MET A 59 -7.49 17.89 5.09
C MET A 59 -6.65 18.90 4.31
N THR A 60 -5.37 18.60 4.13
CA THR A 60 -4.46 19.49 3.42
C THR A 60 -4.87 19.67 1.95
N LEU A 61 -5.20 18.57 1.29
CA LEU A 61 -5.51 18.58 -0.13
C LEU A 61 -6.97 18.88 -0.40
N GLY A 62 -7.80 18.81 0.63
CA GLY A 62 -9.23 18.98 0.45
C GLY A 62 -9.84 17.85 -0.35
N ILE A 63 -9.29 16.66 -0.19
CA ILE A 63 -9.80 15.47 -0.87
C ILE A 63 -10.34 14.46 0.12
N ASP A 64 -11.60 14.09 -0.09
CA ASP A 64 -12.27 13.07 0.69
C ASP A 64 -11.55 11.72 0.58
N ILE A 65 -11.29 11.07 1.71
CA ILE A 65 -10.58 9.79 1.69
C ILE A 65 -11.38 8.71 0.96
N GLN A 66 -12.69 8.69 1.16
CA GLN A 66 -13.49 7.66 0.51
C GLN A 66 -13.41 7.83 -1.00
N ALA A 67 -13.55 9.07 -1.47
CA ALA A 67 -13.47 9.34 -2.90
C ALA A 67 -12.07 9.01 -3.46
N ALA A 68 -11.03 9.39 -2.74
CA ALA A 68 -9.67 9.09 -3.15
C ALA A 68 -9.40 7.59 -3.18
N THR A 69 -10.07 6.87 -2.28
CA THR A 69 -9.91 5.42 -2.19
C THR A 69 -10.49 4.74 -3.44
N LYS A 70 -11.67 5.18 -3.85
CA LYS A 70 -12.28 4.68 -5.08
C LYS A 70 -11.45 5.02 -6.32
N ALA A 71 -11.00 6.26 -6.41
CA ALA A 71 -10.19 6.68 -7.57
C ALA A 71 -8.88 5.89 -7.63
N GLY A 72 -8.32 5.59 -6.47
CA GLY A 72 -7.08 4.83 -6.41
C GLY A 72 -7.28 3.41 -6.91
N TYR A 73 -8.39 2.80 -6.51
CA TYR A 73 -8.77 1.49 -7.02
C TYR A 73 -8.77 1.48 -8.55
N TYR A 74 -9.48 2.42 -9.15
CA TYR A 74 -9.60 2.44 -10.60
C TYR A 74 -8.28 2.81 -11.28
N LYS A 75 -7.46 3.62 -10.61
CA LYS A 75 -6.15 3.97 -11.15
C LYS A 75 -5.24 2.73 -11.21
N ILE A 76 -5.17 2.00 -10.11
CA ILE A 76 -4.40 0.75 -10.09
C ILE A 76 -4.98 -0.27 -11.08
N LYS A 77 -6.30 -0.42 -11.09
CA LYS A 77 -6.95 -1.39 -11.98
C LYS A 77 -6.65 -1.06 -13.44
N SER A 78 -6.65 0.22 -13.77
CA SER A 78 -6.38 0.65 -15.13
C SER A 78 -4.98 0.22 -15.55
N ILE A 79 -4.03 0.32 -14.63
CA ILE A 79 -2.64 0.01 -14.93
C ILE A 79 -2.37 -1.49 -14.87
N THR A 80 -2.90 -2.17 -13.86
CA THR A 80 -2.60 -3.60 -13.70
C THR A 80 -3.43 -4.48 -14.65
N GLU A 81 -4.51 -3.93 -15.19
CA GLU A 81 -5.42 -4.68 -16.05
C GLU A 81 -5.86 -3.85 -17.25
N THR B 14 1.64 -17.71 9.01
CA THR B 14 2.06 -16.80 10.06
C THR B 14 1.60 -15.37 9.78
N PRO B 15 0.95 -14.72 10.75
CA PRO B 15 0.55 -13.32 10.58
C PRO B 15 1.72 -12.38 10.29
N THR B 16 2.89 -12.66 10.85
CA THR B 16 4.07 -11.86 10.58
C THR B 16 4.55 -12.07 9.15
N THR B 17 4.56 -13.32 8.71
CA THR B 17 4.93 -13.62 7.34
C THR B 17 3.92 -13.04 6.34
N ILE B 18 2.64 -13.21 6.63
CA ILE B 18 1.62 -12.66 5.73
C ILE B 18 1.73 -11.13 5.66
N ALA B 19 1.97 -10.49 6.79
CA ALA B 19 2.17 -9.04 6.82
C ALA B 19 3.32 -8.63 5.91
N PHE B 20 4.43 -9.37 5.99
CA PHE B 20 5.60 -9.09 5.14
C PHE B 20 5.28 -9.25 3.65
N GLN B 21 4.65 -10.37 3.30
CA GLN B 21 4.28 -10.63 1.91
C GLN B 21 3.40 -9.52 1.36
N VAL B 22 2.37 -9.13 2.11
CA VAL B 22 1.48 -8.07 1.67
C VAL B 22 2.21 -6.74 1.58
N ASP B 23 3.04 -6.42 2.58
CA ASP B 23 3.81 -5.17 2.53
C ASP B 23 4.72 -5.12 1.30
N CYS B 24 5.33 -6.27 0.96
CA CYS B 24 6.25 -6.31 -0.18
C CYS B 24 5.53 -6.08 -1.48
N TYR B 25 4.39 -6.74 -1.63
CA TYR B 25 3.65 -6.58 -2.87
C TYR B 25 3.11 -5.16 -3.04
N LEU B 26 2.56 -4.57 -1.98
CA LEU B 26 1.98 -3.26 -2.12
C LEU B 26 3.10 -2.23 -2.34
N TRP B 27 4.25 -2.47 -1.72
CA TRP B 27 5.41 -1.64 -1.99
C TRP B 27 5.82 -1.74 -3.46
N HIS B 28 5.78 -2.96 -4.00
CA HIS B 28 6.12 -3.20 -5.40
C HIS B 28 5.22 -2.36 -6.32
N LEU B 29 3.93 -2.32 -6.00
CA LEU B 29 3.00 -1.47 -6.75
C LEU B 29 3.40 -0.01 -6.65
N LYS B 30 3.69 0.46 -5.45
CA LYS B 30 4.09 1.85 -5.29
C LYS B 30 5.39 2.15 -6.09
N LYS B 31 6.33 1.21 -6.08
CA LYS B 31 7.57 1.42 -6.82
C LYS B 31 7.30 1.54 -8.32
N MET B 32 6.42 0.68 -8.81
CA MET B 32 6.07 0.69 -10.22
C MET B 32 5.39 1.99 -10.64
N LEU B 33 4.47 2.49 -9.82
CA LEU B 33 3.88 3.80 -10.10
C LEU B 33 4.95 4.90 -10.06
N SER B 34 5.97 4.76 -9.20
CA SER B 34 7.02 5.79 -9.10
C SER B 34 7.86 5.80 -10.37
N LEU B 35 8.21 4.61 -10.84
CA LEU B 35 9.05 4.50 -12.03
C LEU B 35 8.30 4.98 -13.26
N MET B 36 6.97 4.90 -13.21
CA MET B 36 6.13 5.40 -14.29
C MET B 36 5.96 6.92 -14.24
N GLY B 37 6.49 7.55 -13.20
CA GLY B 37 6.41 8.99 -13.06
C GLY B 37 5.03 9.52 -12.74
N GLU B 38 4.19 8.68 -12.16
CA GLU B 38 2.79 9.03 -11.84
C GLU B 38 2.61 9.74 -10.49
N VAL B 39 3.68 9.87 -9.71
CA VAL B 39 3.55 10.32 -8.34
C VAL B 39 4.55 11.41 -8.03
N ASP B 40 4.45 11.99 -6.84
CA ASP B 40 5.29 13.13 -6.49
C ASP B 40 6.44 12.75 -5.58
N ALA B 41 7.26 13.73 -5.22
CA ALA B 41 8.48 13.45 -4.45
C ALA B 41 8.23 12.88 -3.04
N PRO B 42 7.27 13.44 -2.26
CA PRO B 42 7.10 12.80 -0.95
C PRO B 42 6.69 11.32 -1.02
N PHE B 43 5.91 10.94 -2.03
CA PHE B 43 5.53 9.54 -2.25
C PHE B 43 6.81 8.71 -2.51
N GLU B 44 7.70 9.28 -3.31
CA GLU B 44 8.97 8.64 -3.62
C GLU B 44 9.88 8.56 -2.41
N ASP B 45 9.87 9.58 -1.55
CA ASP B 45 10.64 9.50 -0.31
C ASP B 45 10.10 8.36 0.57
N ARG B 46 8.78 8.33 0.78
CA ARG B 46 8.16 7.27 1.57
C ARG B 46 8.51 5.90 0.99
N LEU B 47 8.47 5.79 -0.33
CA LEU B 47 8.84 4.56 -1.00
C LEU B 47 10.23 4.04 -0.60
N ARG B 48 11.23 4.91 -0.62
CA ARG B 48 12.60 4.47 -0.38
C ARG B 48 12.82 4.17 1.10
N ARG B 49 12.15 4.94 1.96
CA ARG B 49 12.10 4.66 3.39
C ARG B 49 11.58 3.24 3.65
N GLU B 50 10.41 2.94 3.07
CA GLU B 50 9.79 1.64 3.28
C GLU B 50 10.68 0.50 2.78
N GLN B 51 11.31 0.71 1.64
CA GLN B 51 12.15 -0.34 1.09
C GLN B 51 13.31 -0.73 2.01
N LYS B 52 13.94 0.27 2.64
CA LYS B 52 15.00 -0.01 3.57
C LYS B 52 14.46 -0.82 4.75
N ALA B 53 13.26 -0.47 5.21
CA ALA B 53 12.59 -1.22 6.28
C ALA B 53 12.24 -2.65 5.86
N LEU B 54 11.76 -2.82 4.64
CA LEU B 54 11.51 -4.18 4.15
C LEU B 54 12.79 -5.01 4.07
N LYS B 55 13.92 -4.39 3.70
CA LYS B 55 15.17 -5.16 3.66
C LYS B 55 15.59 -5.67 5.03
N GLY B 56 15.40 -4.83 6.03
CA GLY B 56 15.73 -5.17 7.40
C GLY B 56 14.85 -6.29 7.89
N ARG B 57 13.55 -6.20 7.59
CA ARG B 57 12.63 -7.26 7.96
C ARG B 57 12.93 -8.57 7.23
N SER B 58 13.34 -8.46 5.97
CA SER B 58 13.68 -9.64 5.17
C SER B 58 14.81 -10.44 5.82
N MET B 59 15.77 -9.76 6.41
CA MET B 59 16.90 -10.43 7.07
C MET B 59 16.48 -11.22 8.30
N THR B 60 15.49 -10.69 9.01
CA THR B 60 15.01 -11.30 10.22
C THR B 60 14.09 -12.51 9.90
N LEU B 61 13.26 -12.39 8.86
CA LEU B 61 12.31 -13.45 8.49
C LEU B 61 12.88 -14.54 7.59
N GLY B 62 14.01 -14.26 6.97
CA GLY B 62 14.67 -15.19 6.07
C GLY B 62 13.88 -15.36 4.80
N ILE B 63 13.09 -14.34 4.44
CA ILE B 63 12.27 -14.38 3.24
C ILE B 63 12.72 -13.34 2.24
N ASP B 64 13.05 -13.81 1.05
CA ASP B 64 13.45 -12.97 -0.07
C ASP B 64 12.31 -12.02 -0.51
N ILE B 65 12.62 -10.75 -0.69
CA ILE B 65 11.61 -9.74 -1.04
C ILE B 65 10.87 -10.09 -2.35
N GLN B 66 11.57 -10.67 -3.32
CA GLN B 66 10.92 -11.06 -4.57
C GLN B 66 9.91 -12.19 -4.34
N ALA B 67 10.28 -13.16 -3.51
CA ALA B 67 9.40 -14.27 -3.23
C ALA B 67 8.21 -13.77 -2.41
N ALA B 68 8.48 -12.90 -1.44
CA ALA B 68 7.41 -12.34 -0.60
C ALA B 68 6.46 -11.51 -1.44
N THR B 69 7.02 -10.83 -2.45
CA THR B 69 6.22 -9.99 -3.33
C THR B 69 5.22 -10.86 -4.11
N LYS B 70 5.70 -11.98 -4.62
CA LYS B 70 4.85 -12.92 -5.34
C LYS B 70 3.72 -13.45 -4.45
N ALA B 71 4.08 -13.88 -3.24
CA ALA B 71 3.11 -14.40 -2.29
C ALA B 71 2.06 -13.34 -1.94
N GLY B 72 2.53 -12.11 -1.78
CA GLY B 72 1.65 -11.00 -1.43
C GLY B 72 0.68 -10.67 -2.54
N TYR B 73 1.12 -10.85 -3.79
CA TYR B 73 0.24 -10.66 -4.92
C TYR B 73 -0.93 -11.65 -4.86
N TYR B 74 -0.65 -12.89 -4.50
CA TYR B 74 -1.70 -13.88 -4.45
C TYR B 74 -2.62 -13.71 -3.24
N LYS B 75 -2.06 -13.23 -2.14
CA LYS B 75 -2.87 -12.93 -0.97
C LYS B 75 -3.86 -11.82 -1.31
N ILE B 76 -3.37 -10.76 -1.94
CA ILE B 76 -4.23 -9.64 -2.33
C ILE B 76 -5.25 -10.06 -3.40
N LYS B 77 -4.82 -10.82 -4.40
CA LYS B 77 -5.76 -11.39 -5.37
C LYS B 77 -6.86 -12.20 -4.67
N SER B 78 -6.48 -12.96 -3.64
CA SER B 78 -7.43 -13.80 -2.92
C SER B 78 -8.50 -12.97 -2.22
N ILE B 79 -8.13 -11.79 -1.73
CA ILE B 79 -9.02 -10.99 -0.89
C ILE B 79 -9.88 -10.02 -1.71
N THR B 80 -9.36 -9.58 -2.84
CA THR B 80 -10.10 -8.62 -3.66
C THR B 80 -11.06 -9.35 -4.60
N GLU B 81 -10.76 -10.63 -4.83
CA GLU B 81 -11.51 -11.46 -5.77
C GLU B 81 -13.01 -11.44 -5.56
N ASP B 82 -13.43 -11.74 -4.33
CA ASP B 82 -14.85 -11.88 -4.04
C ASP B 82 -15.43 -10.68 -3.30
N ALA B 83 -14.57 -9.90 -2.65
CA ALA B 83 -15.02 -8.75 -1.86
C ALA B 83 -15.35 -7.56 -2.74
N MET B 84 -14.58 -7.38 -3.81
CA MET B 84 -14.80 -6.29 -4.75
C MET B 84 -15.23 -6.84 -6.11
#